data_3TPB
#
_entry.id   3TPB
#
_cell.length_a   48.430
_cell.length_b   84.500
_cell.length_c   50.000
_cell.angle_alpha   90.00
_cell.angle_beta   89.94
_cell.angle_gamma   90.00
#
_symmetry.space_group_name_H-M   'P 1 21 1'
#
loop_
_entity.id
_entity.type
_entity.pdbx_description
1 polymer 'Serine/threonine-protein kinase HipA'
2 non-polymer 'CHLORIDE ION'
3 non-polymer 'PHOSPHATE ION'
4 water water
#
_entity_poly.entity_id   1
_entity_poly.type   'polypeptide(L)'
_entity_poly.pdbx_seq_one_letter_code
;MPKLVTWMNNQRVGELTKLANGAHTFKYAPEWLASRYARPLSLSLPLQRGNITSDAVFNFFDNLLPDSPIVRDRIVKRYH
AKSRQPFDLLSEIGRDSVGAVTLIPEDETVTHPIMAWEKLTEARLEEVLTAYKADIPLGMIREENDFRIAVAGAQEKTAL
LRIGNDWCIPKGITPTTHIIKLPIGEIRQPNATLDLSQSVDNEYYCLLLAKELGLNVPDAEIIKAGNVRALAVERFDRRW
NARRTVLLRLPQEDMCQTFGLPSSVKYESDGGPGIARIMAFLMGSSEALKDRYDFMKFQVFQWLIGATQGHAKNFSVFIQ
AGGSYRLTPFYDIISAFPVLGGTGIHISDLKLAMGLNASKGKKTAIDKIYPRHFLATAKVLRFPEVQMHEILSDFARMIP
AALDNVKTSLPTDFPENVVTAVESNVLRLHGRLSREYGSK
;
_entity_poly.pdbx_strand_id   A
#
loop_
_chem_comp.id
_chem_comp.type
_chem_comp.name
_chem_comp.formula
CL non-polymer 'CHLORIDE ION' 'Cl -1'
PO4 non-polymer 'PHOSPHATE ION' 'O4 P -3'
#
# COMPACT_ATOMS: atom_id res chain seq x y z
N PRO A 2 24.37 15.75 11.01
CA PRO A 2 23.77 14.41 10.76
C PRO A 2 22.36 14.29 11.33
N LYS A 3 21.53 15.32 11.15
CA LYS A 3 20.16 15.28 11.67
C LYS A 3 19.08 15.67 10.67
N LEU A 4 17.94 15.01 10.77
CA LEU A 4 16.80 15.33 9.94
C LEU A 4 15.69 15.53 10.95
N VAL A 5 15.07 16.71 10.93
CA VAL A 5 13.98 16.94 11.86
C VAL A 5 12.75 16.29 11.24
N THR A 6 12.02 15.58 12.08
CA THR A 6 10.83 14.86 11.69
C THR A 6 9.58 15.63 12.07
N TRP A 7 8.77 15.95 11.07
CA TRP A 7 7.53 16.69 11.31
C TRP A 7 6.28 15.91 10.94
N MET A 8 5.20 16.19 11.65
CA MET A 8 3.90 15.60 11.32
C MET A 8 3.01 16.83 11.08
N ASN A 9 2.81 17.13 9.82
CA ASN A 9 2.09 18.32 9.49
C ASN A 9 2.87 19.49 10.13
N ASN A 10 2.22 20.34 10.88
CA ASN A 10 3.01 21.44 11.41
C ASN A 10 3.59 21.22 12.79
N GLN A 11 3.61 19.96 13.25
CA GLN A 11 4.14 19.64 14.58
C GLN A 11 5.49 18.89 14.54
N ARG A 12 6.43 19.37 15.33
CA ARG A 12 7.73 18.74 15.39
C ARG A 12 7.56 17.45 16.19
N VAL A 13 7.97 16.32 15.60
CA VAL A 13 7.85 15.04 16.29
C VAL A 13 9.15 14.67 17.01
N GLY A 14 10.26 14.86 16.33
CA GLY A 14 11.56 14.51 16.89
C GLY A 14 12.67 14.67 15.88
N GLU A 15 13.79 13.98 16.07
CA GLU A 15 14.90 14.08 15.15
C GLU A 15 15.55 12.75 14.85
N LEU A 16 15.92 12.54 13.59
CA LEU A 16 16.59 11.32 13.17
C LEU A 16 18.07 11.67 13.07
N THR A 17 18.92 10.95 13.79
CA THR A 17 20.35 11.23 13.67
C THR A 17 21.07 10.02 13.13
N LYS A 18 22.08 10.30 12.31
CA LYS A 18 22.94 9.28 11.74
C LYS A 18 24.32 9.59 12.35
N LEU A 19 24.77 8.72 13.26
CA LEU A 19 26.07 8.94 13.90
C LEU A 19 27.22 8.73 12.93
N ALA A 20 28.41 9.11 13.36
CA ALA A 20 29.60 8.98 12.51
C ALA A 20 29.90 7.54 12.12
N ASN A 21 29.49 6.58 12.94
CA ASN A 21 29.75 5.18 12.62
C ASN A 21 28.66 4.55 11.73
N GLY A 22 27.68 5.35 11.33
CA GLY A 22 26.63 4.83 10.47
C GLY A 22 25.35 4.46 11.18
N ALA A 23 25.37 4.45 12.51
CA ALA A 23 24.19 4.09 13.29
C ALA A 23 23.14 5.18 13.22
N HIS A 24 21.87 4.76 13.17
CA HIS A 24 20.74 5.69 13.13
C HIS A 24 20.01 5.66 14.46
N THR A 25 19.68 6.83 14.99
CA THR A 25 18.97 6.91 16.26
C THR A 25 17.85 7.91 16.13
N PHE A 26 16.85 7.79 17.00
CA PHE A 26 15.75 8.70 16.95
C PHE A 26 15.43 9.14 18.35
N LYS A 27 15.08 10.41 18.49
CA LYS A 27 14.70 10.96 19.79
C LYS A 27 13.49 11.85 19.62
N TYR A 28 12.46 11.57 20.40
CA TYR A 28 11.25 12.37 20.33
C TYR A 28 11.50 13.76 20.90
N ALA A 29 10.72 14.74 20.44
CA ALA A 29 10.85 16.10 20.90
C ALA A 29 9.99 16.24 22.16
N PRO A 30 10.48 16.99 23.17
CA PRO A 30 9.68 17.14 24.40
C PRO A 30 8.28 17.73 24.17
N GLU A 31 8.14 18.66 23.24
CA GLU A 31 6.83 19.23 22.97
C GLU A 31 5.90 18.16 22.38
N TRP A 32 6.48 17.21 21.67
CA TRP A 32 5.66 16.16 21.10
C TRP A 32 5.13 15.27 22.24
N LEU A 33 6.05 14.78 23.07
CA LEU A 33 5.71 13.90 24.19
C LEU A 33 4.73 14.48 25.22
N ALA A 34 4.74 15.79 25.39
CA ALA A 34 3.88 16.45 26.36
C ALA A 34 2.41 16.48 25.98
N SER A 35 2.12 16.41 24.68
CA SER A 35 0.76 16.42 24.20
C SER A 35 0.00 15.22 24.68
N ARG A 36 -1.15 15.46 25.28
CA ARG A 36 -1.99 14.39 25.77
C ARG A 36 -2.48 13.51 24.61
N TYR A 37 -2.33 13.99 23.37
CA TYR A 37 -2.74 13.25 22.17
C TYR A 37 -1.56 12.67 21.39
N ALA A 38 -0.39 12.71 22.00
CA ALA A 38 0.82 12.21 21.36
C ALA A 38 0.64 10.79 20.85
N ARG A 39 1.29 10.50 19.73
CA ARG A 39 1.23 9.16 19.15
C ARG A 39 2.64 8.85 18.66
N PRO A 40 3.06 7.58 18.73
CA PRO A 40 4.40 7.26 18.26
C PRO A 40 4.51 7.37 16.74
N LEU A 41 5.74 7.50 16.25
CA LEU A 41 6.00 7.58 14.82
C LEU A 41 5.70 6.21 14.21
N SER A 42 5.93 5.17 15.00
CA SER A 42 5.70 3.79 14.60
C SER A 42 5.41 3.02 15.88
N LEU A 43 4.66 1.92 15.77
CA LEU A 43 4.38 1.09 16.93
C LEU A 43 5.70 0.39 17.32
N SER A 44 6.68 0.43 16.42
CA SER A 44 7.99 -0.16 16.69
C SER A 44 8.95 0.86 17.33
N LEU A 45 8.48 2.08 17.54
CA LEU A 45 9.30 3.15 18.12
C LEU A 45 8.41 3.82 19.15
N PRO A 46 8.07 3.08 20.22
CA PRO A 46 7.20 3.69 21.24
C PRO A 46 7.70 5.00 21.84
N LEU A 47 6.75 5.82 22.25
CA LEU A 47 7.06 7.10 22.85
C LEU A 47 7.93 6.91 24.10
N GLN A 48 9.00 7.70 24.20
CA GLN A 48 9.94 7.66 25.32
C GLN A 48 10.79 8.93 25.26
N ARG A 49 11.52 9.22 26.35
CA ARG A 49 12.33 10.42 26.40
C ARG A 49 13.76 10.22 25.90
N GLY A 50 14.28 9.02 26.07
CA GLY A 50 15.65 8.77 25.66
C GLY A 50 15.88 8.55 24.19
N ASN A 51 17.14 8.37 23.86
CA ASN A 51 17.54 8.12 22.49
C ASN A 51 17.16 6.69 22.13
N ILE A 52 16.50 6.50 21.00
CA ILE A 52 16.16 5.14 20.58
C ILE A 52 17.28 4.70 19.65
N THR A 53 17.89 3.56 19.96
CA THR A 53 19.02 3.07 19.17
C THR A 53 18.86 1.70 18.53
N SER A 54 17.71 1.06 18.73
CA SER A 54 17.48 -0.25 18.15
C SER A 54 17.45 -0.20 16.62
N ASP A 55 17.52 -1.37 15.99
CA ASP A 55 17.48 -1.50 14.55
C ASP A 55 16.12 -1.06 14.00
N ALA A 56 15.15 -0.93 14.89
CA ALA A 56 13.81 -0.50 14.47
C ALA A 56 13.87 0.90 13.87
N VAL A 57 14.88 1.68 14.24
CA VAL A 57 14.98 3.04 13.73
C VAL A 57 15.40 3.02 12.28
N PHE A 58 16.50 2.33 12.00
CA PHE A 58 16.95 2.23 10.64
C PHE A 58 15.86 1.58 9.80
N ASN A 59 15.29 0.49 10.30
CA ASN A 59 14.24 -0.23 9.56
C ASN A 59 13.01 0.61 9.24
N PHE A 60 12.55 1.39 10.21
CA PHE A 60 11.38 2.22 9.96
C PHE A 60 11.61 3.21 8.80
N PHE A 61 12.68 3.98 8.87
CA PHE A 61 12.97 4.97 7.84
C PHE A 61 13.34 4.34 6.50
N ASP A 62 14.11 3.26 6.53
CA ASP A 62 14.47 2.56 5.30
C ASP A 62 13.19 2.06 4.59
N ASN A 63 12.16 1.69 5.38
CA ASN A 63 10.89 1.21 4.80
C ASN A 63 10.04 2.29 4.14
N LEU A 64 10.50 3.54 4.25
CA LEU A 64 9.81 4.66 3.60
C LEU A 64 10.30 4.78 2.18
N LEU A 65 11.41 4.13 1.87
CA LEU A 65 12.00 4.22 0.53
C LEU A 65 11.67 3.03 -0.37
N PRO A 66 11.82 3.19 -1.70
CA PRO A 66 11.54 2.07 -2.62
C PRO A 66 12.53 0.94 -2.31
N ASP A 67 12.07 -0.30 -2.40
CA ASP A 67 12.88 -1.49 -2.10
C ASP A 67 14.03 -1.75 -3.08
N SER A 68 13.78 -1.40 -4.34
CA SER A 68 14.71 -1.61 -5.45
C SER A 68 16.01 -0.80 -5.50
N PRO A 69 17.16 -1.49 -5.54
CA PRO A 69 18.44 -0.77 -5.61
C PRO A 69 18.53 0.01 -6.92
N ILE A 70 17.90 -0.52 -7.96
CA ILE A 70 17.89 0.14 -9.27
C ILE A 70 17.15 1.45 -9.13
N VAL A 71 16.01 1.43 -8.43
CA VAL A 71 15.27 2.67 -8.21
C VAL A 71 16.08 3.61 -7.32
N ARG A 72 16.78 3.07 -6.32
CA ARG A 72 17.57 3.97 -5.48
C ARG A 72 18.70 4.66 -6.25
N ASP A 73 19.35 3.96 -7.17
CA ASP A 73 20.41 4.58 -7.96
C ASP A 73 19.78 5.73 -8.75
N ARG A 74 18.59 5.49 -9.30
CA ARG A 74 17.91 6.54 -10.07
C ARG A 74 17.67 7.76 -9.20
N ILE A 75 17.27 7.53 -7.96
CA ILE A 75 17.02 8.62 -7.03
C ILE A 75 18.28 9.41 -6.71
N VAL A 76 19.39 8.71 -6.52
CA VAL A 76 20.64 9.41 -6.22
C VAL A 76 21.02 10.26 -7.42
N LYS A 77 20.83 9.70 -8.61
CA LYS A 77 21.18 10.41 -9.85
C LYS A 77 20.30 11.64 -10.06
N ARG A 78 19.01 11.49 -9.81
CA ARG A 78 18.03 12.56 -10.00
C ARG A 78 18.23 13.74 -9.03
N TYR A 79 18.57 13.46 -7.77
CA TYR A 79 18.76 14.54 -6.81
C TYR A 79 20.20 14.70 -6.38
N HIS A 80 21.11 13.98 -7.02
CA HIS A 80 22.51 14.07 -6.66
C HIS A 80 22.71 13.84 -5.15
N ALA A 81 22.07 12.82 -4.61
CA ALA A 81 22.17 12.50 -3.20
C ALA A 81 23.60 12.12 -2.80
N LYS A 82 23.99 12.46 -1.58
CA LYS A 82 25.34 12.17 -1.10
C LYS A 82 25.72 10.70 -1.30
N SER A 83 24.77 9.80 -1.07
CA SER A 83 25.04 8.38 -1.25
C SER A 83 23.72 7.65 -1.48
N ARG A 84 23.78 6.32 -1.50
CA ARG A 84 22.59 5.50 -1.69
C ARG A 84 22.04 5.13 -0.32
N GLN A 85 22.78 5.50 0.72
CA GLN A 85 22.38 5.23 2.10
C GLN A 85 21.04 5.91 2.36
N PRO A 86 20.19 5.28 3.21
CA PRO A 86 18.86 5.78 3.58
C PRO A 86 18.78 7.24 4.06
N PHE A 87 19.57 7.57 5.09
CA PHE A 87 19.57 8.92 5.63
C PHE A 87 19.80 9.94 4.51
N ASP A 88 20.72 9.62 3.61
CA ASP A 88 21.03 10.51 2.51
C ASP A 88 19.93 10.60 1.46
N LEU A 89 19.23 9.50 1.21
CA LEU A 89 18.14 9.54 0.24
C LEU A 89 16.98 10.36 0.82
N LEU A 90 16.66 10.15 2.10
CA LEU A 90 15.56 10.90 2.70
C LEU A 90 15.88 12.38 2.84
N SER A 91 17.16 12.72 2.89
CA SER A 91 17.60 14.12 2.96
C SER A 91 17.16 14.81 1.68
N GLU A 92 17.04 14.03 0.61
CA GLU A 92 16.65 14.59 -0.68
C GLU A 92 15.14 14.52 -0.97
N ILE A 93 14.52 13.37 -0.69
CA ILE A 93 13.11 13.20 -0.97
C ILE A 93 12.18 12.99 0.22
N GLY A 94 12.66 13.25 1.43
CA GLY A 94 11.83 13.03 2.62
C GLY A 94 10.80 14.08 2.99
N ARG A 95 10.63 15.08 2.13
CA ARG A 95 9.68 16.14 2.39
C ARG A 95 8.22 15.67 2.28
N ASP A 96 7.95 14.76 1.36
CA ASP A 96 6.59 14.25 1.16
C ASP A 96 6.66 12.74 1.00
N SER A 97 6.39 11.99 2.07
CA SER A 97 6.45 10.55 1.92
C SER A 97 5.16 9.92 2.34
N VAL A 98 5.15 8.60 2.37
CA VAL A 98 3.96 7.88 2.76
C VAL A 98 3.67 8.24 4.20
N GLY A 99 2.39 8.36 4.55
CA GLY A 99 2.06 8.69 5.91
C GLY A 99 2.20 10.18 6.16
N ALA A 100 2.54 10.55 7.38
CA ALA A 100 2.63 11.97 7.68
C ALA A 100 4.02 12.47 8.02
N VAL A 101 5.01 11.60 7.90
CA VAL A 101 6.36 12.01 8.22
C VAL A 101 6.96 12.90 7.14
N THR A 102 7.43 14.05 7.60
CA THR A 102 8.07 15.01 6.73
C THR A 102 9.45 15.22 7.36
N LEU A 103 10.48 14.87 6.62
CA LEU A 103 11.86 14.97 7.06
C LEU A 103 12.54 16.17 6.43
N ILE A 104 12.93 17.12 7.28
CA ILE A 104 13.58 18.34 6.83
C ILE A 104 14.97 18.50 7.43
N PRO A 105 15.99 18.77 6.59
CA PRO A 105 17.37 18.96 7.00
C PRO A 105 17.50 20.01 8.10
N GLU A 106 18.36 19.72 9.07
CA GLU A 106 18.60 20.60 10.21
C GLU A 106 18.96 22.04 9.81
N ASP A 107 19.62 22.19 8.66
CA ASP A 107 20.02 23.50 8.15
C ASP A 107 18.82 24.34 7.73
N PRO A 113 3.10 27.60 7.31
CA PRO A 113 3.27 27.58 5.86
C PRO A 113 1.95 27.78 5.12
N ILE A 114 2.05 28.10 3.84
CA ILE A 114 0.87 28.30 3.02
C ILE A 114 0.78 27.26 1.91
N MET A 115 -0.43 26.90 1.56
CA MET A 115 -0.64 25.94 0.49
C MET A 115 -0.39 26.64 -0.84
N ALA A 116 0.45 26.07 -1.69
CA ALA A 116 0.71 26.66 -3.01
C ALA A 116 1.11 25.55 -3.99
N TRP A 117 0.90 25.79 -5.28
CA TRP A 117 1.24 24.79 -6.29
C TRP A 117 1.38 25.38 -7.69
N GLU A 118 1.79 24.52 -8.61
CA GLU A 118 1.99 24.89 -10.01
C GLU A 118 1.24 23.90 -10.89
N LYS A 119 0.34 24.41 -11.70
CA LYS A 119 -0.44 23.59 -12.60
C LYS A 119 0.50 23.12 -13.72
N LEU A 120 0.28 21.90 -14.22
CA LEU A 120 1.10 21.39 -15.30
C LEU A 120 0.26 21.28 -16.57
N THR A 121 0.86 21.55 -17.71
CA THR A 121 0.16 21.43 -18.99
C THR A 121 0.26 19.96 -19.37
N GLU A 122 -0.54 19.53 -20.34
CA GLU A 122 -0.49 18.14 -20.76
C GLU A 122 0.91 17.80 -21.23
N ALA A 123 1.53 18.75 -21.94
CA ALA A 123 2.89 18.54 -22.42
C ALA A 123 3.82 18.39 -21.22
N ARG A 124 3.72 19.29 -20.25
CA ARG A 124 4.58 19.23 -19.07
C ARG A 124 4.31 17.98 -18.25
N LEU A 125 3.04 17.64 -18.09
CA LEU A 125 2.71 16.44 -17.31
C LEU A 125 3.34 15.19 -17.98
N GLU A 126 3.28 15.13 -19.31
CA GLU A 126 3.85 14.00 -20.04
C GLU A 126 5.33 13.89 -19.75
N GLU A 127 5.99 15.03 -19.68
CA GLU A 127 7.41 15.09 -19.39
C GLU A 127 7.70 14.62 -17.97
N VAL A 128 6.92 15.10 -17.02
CA VAL A 128 7.13 14.72 -15.64
C VAL A 128 7.01 13.22 -15.46
N LEU A 129 5.98 12.64 -16.08
CA LEU A 129 5.73 11.20 -15.95
C LEU A 129 6.68 10.28 -16.69
N THR A 130 7.30 10.78 -17.76
CA THR A 130 8.24 9.98 -18.52
C THR A 130 9.61 9.93 -17.85
N ALA A 131 9.74 10.52 -16.66
CA ALA A 131 11.02 10.50 -15.96
C ALA A 131 10.98 9.36 -14.95
N TYR A 132 9.80 8.75 -14.81
CA TYR A 132 9.58 7.65 -13.89
C TYR A 132 9.16 6.37 -14.59
N ALA A 154 8.20 -1.63 -5.29
CA ALA A 154 9.22 -2.32 -6.10
C ALA A 154 9.50 -1.60 -7.43
N GLN A 155 8.44 -1.05 -8.01
CA GLN A 155 8.51 -0.33 -9.28
C GLN A 155 8.82 1.14 -9.03
N GLU A 156 8.78 1.94 -10.10
CA GLU A 156 9.05 3.37 -9.99
C GLU A 156 7.72 4.14 -9.90
N LYS A 157 7.50 4.83 -8.79
CA LYS A 157 6.26 5.60 -8.63
C LYS A 157 6.52 6.99 -8.06
N THR A 158 5.64 7.93 -8.39
CA THR A 158 5.79 9.30 -7.91
C THR A 158 4.47 9.75 -7.30
N ALA A 159 4.29 11.06 -7.19
CA ALA A 159 3.05 11.58 -6.62
C ALA A 159 2.85 13.00 -7.13
N LEU A 160 1.59 13.40 -7.27
CA LEU A 160 1.25 14.75 -7.73
C LEU A 160 0.07 15.29 -6.93
N LEU A 161 -0.17 16.59 -7.05
CA LEU A 161 -1.28 17.26 -6.37
C LEU A 161 -2.35 17.52 -7.42
N ARG A 162 -3.57 17.07 -7.13
CA ARG A 162 -4.71 17.28 -8.02
C ARG A 162 -5.46 18.52 -7.51
N ILE A 163 -5.74 19.46 -8.41
CA ILE A 163 -6.50 20.67 -8.04
C ILE A 163 -7.60 20.74 -9.12
N GLY A 164 -8.84 20.44 -8.76
CA GLY A 164 -9.87 20.44 -9.77
C GLY A 164 -9.54 19.32 -10.73
N ASN A 165 -9.48 19.63 -12.02
CA ASN A 165 -9.16 18.63 -13.03
C ASN A 165 -7.71 18.78 -13.55
N ASP A 166 -6.90 19.51 -12.82
CA ASP A 166 -5.52 19.69 -13.22
C ASP A 166 -4.56 18.97 -12.31
N TRP A 167 -3.49 18.45 -12.90
CA TRP A 167 -2.43 17.81 -12.15
C TRP A 167 -1.42 18.90 -11.86
N CYS A 168 -0.90 18.92 -10.64
CA CYS A 168 0.04 19.97 -10.23
C CYS A 168 1.21 19.51 -9.39
N ILE A 169 2.22 20.37 -9.34
CA ILE A 169 3.39 20.11 -8.51
C ILE A 169 3.24 20.97 -7.25
N PRO A 170 3.20 20.34 -6.07
CA PRO A 170 3.06 21.15 -4.86
C PRO A 170 4.29 21.98 -4.57
N LYS A 171 4.13 23.15 -3.95
CA LYS A 171 5.27 23.98 -3.60
C LYS A 171 5.58 23.85 -2.11
N GLY A 172 6.85 23.98 -1.76
CA GLY A 172 7.25 23.88 -0.36
C GLY A 172 6.87 22.60 0.35
N ILE A 173 6.12 22.70 1.43
CA ILE A 173 5.68 21.52 2.18
C ILE A 173 4.26 21.08 1.83
N THR A 174 3.63 21.74 0.85
CA THR A 174 2.28 21.38 0.42
C THR A 174 2.32 19.92 0.00
N PRO A 175 1.42 19.08 0.52
CA PRO A 175 1.46 17.65 0.16
C PRO A 175 0.86 17.31 -1.22
N THR A 176 1.11 16.07 -1.64
CA THR A 176 0.55 15.53 -2.87
C THR A 176 -0.74 14.81 -2.45
N THR A 177 -1.60 14.47 -3.43
CA THR A 177 -2.88 13.81 -3.17
C THR A 177 -3.03 12.47 -3.87
N HIS A 178 -2.15 12.20 -4.83
CA HIS A 178 -2.25 10.96 -5.60
C HIS A 178 -0.91 10.30 -5.86
N ILE A 179 -0.89 8.98 -5.76
CA ILE A 179 0.31 8.23 -6.07
C ILE A 179 0.15 7.94 -7.56
N ILE A 180 1.21 8.15 -8.34
CA ILE A 180 1.17 7.94 -9.78
C ILE A 180 2.07 6.76 -10.13
N LYS A 181 1.54 5.82 -10.89
CA LYS A 181 2.30 4.64 -11.26
C LYS A 181 2.36 4.51 -12.77
N LEU A 182 3.53 4.09 -13.27
CA LEU A 182 3.72 3.90 -14.70
C LEU A 182 3.67 2.40 -14.99
N PRO A 183 3.56 2.01 -16.27
CA PRO A 183 3.52 0.57 -16.58
C PRO A 183 4.80 -0.10 -16.12
N ILE A 184 4.66 -1.31 -15.59
CA ILE A 184 5.80 -2.08 -15.08
C ILE A 184 6.55 -2.72 -16.26
N LEU A 194 7.74 -12.06 -17.73
CA LEU A 194 6.41 -11.53 -17.43
C LEU A 194 6.23 -10.16 -18.08
N ASP A 195 5.26 -10.07 -18.97
CA ASP A 195 4.96 -8.81 -19.61
C ASP A 195 3.93 -8.10 -18.75
N LEU A 196 4.42 -7.21 -17.90
CA LEU A 196 3.55 -6.43 -17.06
C LEU A 196 3.37 -5.05 -17.71
N SER A 197 3.29 -5.03 -19.04
CA SER A 197 3.15 -3.77 -19.77
C SER A 197 1.79 -3.11 -19.56
N GLN A 198 0.80 -3.91 -19.15
CA GLN A 198 -0.54 -3.37 -18.92
C GLN A 198 -0.84 -3.33 -17.42
N SER A 199 0.20 -3.22 -16.60
CA SER A 199 0.00 -3.17 -15.16
C SER A 199 -0.85 -1.96 -14.74
N VAL A 200 -0.84 -0.88 -15.53
CA VAL A 200 -1.68 0.30 -15.23
C VAL A 200 -3.15 -0.09 -15.39
N ASP A 201 -3.48 -0.70 -16.51
CA ASP A 201 -4.88 -1.11 -16.73
C ASP A 201 -5.28 -2.23 -15.77
N ASN A 202 -4.33 -3.14 -15.51
CA ASN A 202 -4.55 -4.28 -14.61
C ASN A 202 -5.00 -3.75 -13.24
N GLU A 203 -4.19 -2.89 -12.64
CA GLU A 203 -4.52 -2.35 -11.33
C GLU A 203 -5.79 -1.51 -11.34
N TYR A 204 -5.99 -0.69 -12.38
CA TYR A 204 -7.23 0.12 -12.47
C TYR A 204 -8.43 -0.83 -12.33
N TYR A 205 -8.41 -1.87 -13.14
CA TYR A 205 -9.46 -2.88 -13.16
C TYR A 205 -9.67 -3.53 -11.79
N CYS A 206 -8.57 -3.98 -11.19
CA CYS A 206 -8.66 -4.62 -9.89
C CYS A 206 -9.24 -3.71 -8.82
N LEU A 207 -8.82 -2.45 -8.82
CA LEU A 207 -9.34 -1.49 -7.84
C LEU A 207 -10.83 -1.26 -8.06
N LEU A 208 -11.26 -1.15 -9.32
CA LEU A 208 -12.69 -0.96 -9.60
C LEU A 208 -13.51 -2.14 -9.10
N LEU A 209 -13.00 -3.35 -9.34
CA LEU A 209 -13.69 -4.58 -8.93
C LEU A 209 -13.76 -4.68 -7.42
N ALA A 210 -12.65 -4.35 -6.76
CA ALA A 210 -12.62 -4.40 -5.30
C ALA A 210 -13.68 -3.45 -4.76
N LYS A 211 -13.75 -2.25 -5.31
CA LYS A 211 -14.72 -1.26 -4.82
C LYS A 211 -16.15 -1.77 -5.06
N GLU A 212 -16.36 -2.34 -6.23
CA GLU A 212 -17.69 -2.86 -6.57
C GLU A 212 -18.09 -3.96 -5.59
N LEU A 213 -17.11 -4.72 -5.11
CA LEU A 213 -17.39 -5.80 -4.18
C LEU A 213 -17.41 -5.40 -2.73
N GLY A 214 -17.46 -4.09 -2.46
CA GLY A 214 -17.53 -3.65 -1.08
C GLY A 214 -16.24 -3.55 -0.29
N LEU A 215 -15.10 -3.75 -0.93
CA LEU A 215 -13.84 -3.66 -0.20
C LEU A 215 -13.41 -2.21 -0.06
N ASN A 216 -12.65 -1.93 0.98
CA ASN A 216 -12.15 -0.59 1.25
C ASN A 216 -10.88 -0.39 0.46
N VAL A 217 -10.97 0.36 -0.64
CA VAL A 217 -9.83 0.62 -1.50
C VAL A 217 -9.90 2.04 -2.03
N PRO A 218 -8.75 2.60 -2.40
CA PRO A 218 -8.78 3.97 -2.91
C PRO A 218 -9.37 4.01 -4.31
N ASP A 219 -9.89 5.18 -4.66
CA ASP A 219 -10.37 5.38 -6.03
C ASP A 219 -9.11 5.64 -6.86
N ALA A 220 -9.22 5.40 -8.17
CA ALA A 220 -8.12 5.62 -9.08
C ALA A 220 -8.63 6.00 -10.45
N GLU A 221 -7.75 6.58 -11.24
CA GLU A 221 -8.11 6.95 -12.59
C GLU A 221 -6.91 6.78 -13.49
N ILE A 222 -7.19 6.45 -14.73
CA ILE A 222 -6.15 6.30 -15.73
C ILE A 222 -5.97 7.69 -16.31
N ILE A 223 -4.76 8.22 -16.26
CA ILE A 223 -4.55 9.53 -16.83
C ILE A 223 -3.72 9.39 -18.08
N LYS A 224 -4.05 10.18 -19.08
CA LYS A 224 -3.33 10.13 -20.34
C LYS A 224 -2.77 11.52 -20.58
N ALA A 225 -1.48 11.56 -20.87
CA ALA A 225 -0.81 12.81 -21.15
C ALA A 225 0.04 12.49 -22.37
N GLY A 226 -0.30 13.10 -23.50
CA GLY A 226 0.47 12.81 -24.70
C GLY A 226 0.42 11.31 -24.91
N ASN A 227 1.59 10.71 -25.06
CA ASN A 227 1.67 9.28 -25.28
C ASN A 227 1.91 8.46 -24.02
N VAL A 228 1.73 9.06 -22.84
CA VAL A 228 1.96 8.31 -21.62
C VAL A 228 0.63 7.91 -20.98
N ARG A 229 0.57 6.73 -20.40
CA ARG A 229 -0.64 6.23 -19.76
C ARG A 229 -0.21 5.77 -18.37
N ALA A 230 -0.74 6.44 -17.34
CA ALA A 230 -0.37 6.16 -15.95
C ALA A 230 -1.59 5.98 -15.06
N LEU A 231 -1.37 5.42 -13.88
CA LEU A 231 -2.48 5.23 -12.96
C LEU A 231 -2.35 6.24 -11.83
N ALA A 232 -3.40 7.04 -11.58
CA ALA A 232 -3.36 8.00 -10.47
C ALA A 232 -4.23 7.42 -9.36
N VAL A 233 -3.61 7.07 -8.25
CA VAL A 233 -4.39 6.50 -7.16
C VAL A 233 -4.53 7.56 -6.07
N GLU A 234 -5.77 7.84 -5.67
CA GLU A 234 -6.01 8.83 -4.60
C GLU A 234 -5.38 8.31 -3.32
N ARG A 235 -4.63 9.17 -2.62
CA ARG A 235 -3.98 8.77 -1.39
C ARG A 235 -4.95 8.79 -0.20
N PHE A 236 -4.88 7.78 0.66
CA PHE A 236 -5.74 7.76 1.84
C PHE A 236 -4.94 8.26 3.03
N ASP A 237 -3.68 8.60 2.79
CA ASP A 237 -2.86 9.17 3.87
C ASP A 237 -2.86 10.69 3.72
N ARG A 238 -3.92 11.23 3.13
CA ARG A 238 -4.03 12.69 2.95
C ARG A 238 -5.50 13.07 3.12
N ARG A 239 -5.75 14.27 3.62
CA ARG A 239 -7.15 14.69 3.79
C ARG A 239 -7.33 16.19 3.75
N TRP A 240 -8.23 16.68 2.91
CA TRP A 240 -8.49 18.13 2.86
C TRP A 240 -9.36 18.52 4.05
N ASN A 241 -9.19 19.73 4.58
CA ASN A 241 -10.07 20.19 5.66
C ASN A 241 -11.39 20.58 4.98
N ALA A 242 -12.43 20.87 5.76
CA ALA A 242 -13.73 21.17 5.19
C ALA A 242 -13.75 22.34 4.20
N ARG A 243 -13.04 23.41 4.50
CA ARG A 243 -12.98 24.59 3.63
C ARG A 243 -12.04 24.46 2.43
N ARG A 244 -11.26 23.37 2.39
CA ARG A 244 -10.32 23.12 1.30
C ARG A 244 -9.21 24.14 1.24
N THR A 245 -8.77 24.56 2.40
CA THR A 245 -7.73 25.55 2.48
C THR A 245 -6.47 24.91 3.01
N VAL A 246 -6.59 23.70 3.56
CA VAL A 246 -5.43 22.99 4.07
C VAL A 246 -5.55 21.50 3.74
N LEU A 247 -4.46 20.93 3.25
CA LEU A 247 -4.43 19.50 2.92
C LEU A 247 -3.52 18.86 3.98
N LEU A 248 -4.09 17.98 4.79
CA LEU A 248 -3.35 17.34 5.87
C LEU A 248 -2.84 15.94 5.52
N ARG A 249 -1.73 15.57 6.15
CA ARG A 249 -1.12 14.24 5.98
C ARG A 249 -1.60 13.39 7.18
N LEU A 250 -1.96 12.13 6.95
CA LEU A 250 -2.44 11.22 8.00
C LEU A 250 -1.35 10.18 8.28
N PRO A 251 -0.97 10.03 9.57
CA PRO A 251 0.09 9.06 9.92
C PRO A 251 -0.32 7.62 9.67
N GLN A 252 0.60 6.85 9.09
CA GLN A 252 0.37 5.41 8.83
C GLN A 252 1.70 4.69 8.64
N GLU A 253 1.71 3.37 8.82
CA GLU A 253 2.94 2.61 8.63
C GLU A 253 2.51 1.25 8.10
N ASP A 254 3.37 0.61 7.34
CA ASP A 254 3.04 -0.70 6.81
C ASP A 254 3.40 -1.79 7.80
N MET A 255 3.04 -3.03 7.48
CA MET A 255 3.30 -4.12 8.42
C MET A 255 4.75 -4.41 8.74
N CYS A 256 5.69 -4.19 7.84
CA CYS A 256 7.07 -4.45 8.24
C CYS A 256 7.44 -3.41 9.31
N GLN A 257 7.08 -2.17 9.03
CA GLN A 257 7.37 -1.09 9.96
C GLN A 257 6.73 -1.33 11.32
N THR A 258 5.46 -1.71 11.32
CA THR A 258 4.76 -1.90 12.58
C THR A 258 5.44 -2.95 13.46
N PHE A 259 6.07 -3.95 12.84
CA PHE A 259 6.79 -5.00 13.56
C PHE A 259 8.30 -4.78 13.70
N GLY A 260 8.78 -3.60 13.24
CA GLY A 260 10.19 -3.28 13.34
C GLY A 260 11.07 -4.09 12.40
N LEU A 261 10.46 -4.63 11.35
CA LEU A 261 11.17 -5.46 10.40
C LEU A 261 11.70 -4.73 9.18
N PRO A 262 12.78 -5.26 8.58
CA PRO A 262 13.37 -4.66 7.38
C PRO A 262 12.52 -5.14 6.20
N SER A 263 12.52 -4.37 5.11
CA SER A 263 11.75 -4.73 3.92
C SER A 263 12.23 -6.05 3.34
N SER A 264 13.45 -6.45 3.70
CA SER A 264 14.02 -7.69 3.20
C SER A 264 13.23 -8.92 3.63
N VAL A 265 12.48 -8.82 4.73
CA VAL A 265 11.68 -9.97 5.14
C VAL A 265 10.18 -9.72 4.92
N LYS A 266 9.82 -8.93 3.92
CA LYS A 266 8.41 -8.68 3.70
C LYS A 266 7.61 -9.93 3.29
N TYR A 267 8.24 -10.90 2.64
CA TYR A 267 7.53 -12.12 2.24
C TYR A 267 7.55 -13.15 3.37
N GLU A 268 6.43 -13.86 3.54
CA GLU A 268 6.34 -14.86 4.58
C GLU A 268 7.41 -15.94 4.40
N SER A 269 7.76 -16.27 3.16
CA SER A 269 8.76 -17.30 2.96
C SER A 269 10.14 -16.89 3.46
N ASP A 270 10.32 -15.59 3.70
CA ASP A 270 11.60 -15.06 4.20
C ASP A 270 11.54 -14.75 5.68
N GLY A 271 10.44 -15.14 6.32
CA GLY A 271 10.30 -14.89 7.73
C GLY A 271 9.36 -13.73 8.03
N GLY A 272 8.71 -13.18 6.99
CA GLY A 272 7.81 -12.04 7.22
C GLY A 272 6.42 -12.41 7.73
N PRO A 273 5.62 -11.43 8.18
CA PRO A 273 4.29 -11.80 8.68
C PRO A 273 3.31 -12.32 7.64
N GLY A 274 2.49 -13.26 8.10
CA GLY A 274 1.46 -13.82 7.25
C GLY A 274 0.12 -13.52 7.87
N ILE A 275 -0.90 -14.28 7.46
CA ILE A 275 -2.25 -14.05 7.93
C ILE A 275 -2.41 -14.21 9.42
N ALA A 276 -1.71 -15.18 10.00
CA ALA A 276 -1.82 -15.40 11.45
C ALA A 276 -1.25 -14.26 12.28
N ARG A 277 -0.05 -13.80 11.95
CA ARG A 277 0.54 -12.70 12.73
C ARG A 277 -0.27 -11.39 12.56
N ILE A 278 -0.71 -11.12 11.33
CA ILE A 278 -1.48 -9.90 11.08
C ILE A 278 -2.85 -9.96 11.75
N MET A 279 -3.53 -11.10 11.66
CA MET A 279 -4.84 -11.25 12.29
C MET A 279 -4.74 -11.04 13.80
N ALA A 280 -3.68 -11.59 14.40
CA ALA A 280 -3.43 -11.45 15.84
C ALA A 280 -3.26 -9.97 16.17
N PHE A 281 -2.46 -9.31 15.34
CA PHE A 281 -2.18 -7.89 15.48
C PHE A 281 -3.47 -7.07 15.42
N LEU A 282 -4.33 -7.43 14.48
CA LEU A 282 -5.59 -6.72 14.30
C LEU A 282 -6.56 -6.89 15.48
N MET A 283 -6.27 -7.81 16.39
CA MET A 283 -7.15 -7.95 17.54
C MET A 283 -7.10 -6.66 18.36
N GLY A 284 -5.94 -5.98 18.31
CA GLY A 284 -5.77 -4.74 19.05
C GLY A 284 -6.14 -3.46 18.31
N SER A 285 -6.69 -3.60 17.13
CA SER A 285 -7.10 -2.44 16.33
C SER A 285 -8.31 -1.80 17.03
N SER A 286 -8.47 -0.49 16.87
CA SER A 286 -9.60 0.24 17.44
C SER A 286 -10.87 -0.17 16.69
N GLU A 287 -10.67 -0.90 15.59
CA GLU A 287 -11.77 -1.41 14.79
C GLU A 287 -11.51 -2.90 14.55
N ALA A 288 -11.19 -3.63 15.62
CA ALA A 288 -10.88 -5.04 15.54
C ALA A 288 -11.82 -5.90 14.71
N LEU A 289 -13.10 -5.90 15.06
CA LEU A 289 -14.05 -6.72 14.31
C LEU A 289 -14.17 -6.37 12.83
N LYS A 290 -14.20 -5.09 12.51
CA LYS A 290 -14.31 -4.68 11.13
C LYS A 290 -13.00 -4.93 10.36
N ASP A 291 -11.86 -4.69 11.01
CA ASP A 291 -10.58 -4.89 10.34
C ASP A 291 -10.29 -6.38 10.10
N ARG A 292 -10.59 -7.25 11.06
CA ARG A 292 -10.35 -8.67 10.87
C ARG A 292 -11.23 -9.22 9.76
N TYR A 293 -12.48 -8.74 9.68
CA TYR A 293 -13.43 -9.17 8.67
C TYR A 293 -12.90 -8.70 7.31
N ASP A 294 -12.54 -7.43 7.23
CA ASP A 294 -12.02 -6.84 6.00
C ASP A 294 -10.73 -7.55 5.54
N PHE A 295 -9.81 -7.78 6.45
CA PHE A 295 -8.56 -8.47 6.08
C PHE A 295 -8.86 -9.88 5.56
N MET A 296 -9.74 -10.61 6.25
CA MET A 296 -10.08 -11.95 5.76
C MET A 296 -10.79 -11.88 4.43
N LYS A 297 -11.68 -10.90 4.27
CA LYS A 297 -12.42 -10.75 3.01
C LYS A 297 -11.45 -10.49 1.88
N PHE A 298 -10.42 -9.69 2.16
CA PHE A 298 -9.40 -9.37 1.17
C PHE A 298 -8.57 -10.61 0.77
N GLN A 299 -8.34 -11.53 1.70
CA GLN A 299 -7.60 -12.74 1.37
C GLN A 299 -8.41 -13.52 0.33
N VAL A 300 -9.73 -13.60 0.52
CA VAL A 300 -10.59 -14.32 -0.43
C VAL A 300 -10.55 -13.59 -1.77
N PHE A 301 -10.56 -12.26 -1.69
CA PHE A 301 -10.53 -11.45 -2.89
C PHE A 301 -9.23 -11.66 -3.68
N GLN A 302 -8.08 -11.69 -3.00
CA GLN A 302 -6.82 -11.89 -3.72
C GLN A 302 -6.81 -13.24 -4.42
N TRP A 303 -7.37 -14.22 -3.74
CA TRP A 303 -7.44 -15.55 -4.32
C TRP A 303 -8.28 -15.53 -5.62
N LEU A 304 -9.44 -14.89 -5.57
CA LEU A 304 -10.32 -14.80 -6.75
C LEU A 304 -9.70 -14.06 -7.91
N ILE A 305 -8.97 -12.97 -7.65
CA ILE A 305 -8.37 -12.25 -8.76
C ILE A 305 -6.93 -12.67 -9.08
N GLY A 306 -6.46 -13.73 -8.45
CA GLY A 306 -5.11 -14.20 -8.73
C GLY A 306 -4.02 -13.18 -8.37
N ALA A 307 -4.20 -12.47 -7.26
CA ALA A 307 -3.20 -11.48 -6.81
C ALA A 307 -2.18 -12.28 -6.05
N THR A 308 -0.97 -12.39 -6.58
CA THR A 308 0.04 -13.25 -5.97
C THR A 308 1.11 -12.49 -5.19
N GLN A 309 0.91 -11.19 -5.08
CA GLN A 309 1.88 -10.32 -4.47
C GLN A 309 1.47 -9.61 -3.20
N GLY A 310 0.54 -10.17 -2.43
CA GLY A 310 0.08 -9.48 -1.23
C GLY A 310 0.99 -9.68 -0.03
N HIS A 311 2.23 -9.20 -0.12
CA HIS A 311 3.17 -9.36 1.00
C HIS A 311 2.86 -8.35 2.12
N ALA A 312 3.63 -8.42 3.20
CA ALA A 312 3.42 -7.55 4.37
C ALA A 312 3.39 -6.06 4.12
N LYS A 313 4.19 -5.55 3.19
CA LYS A 313 4.19 -4.11 2.94
C LYS A 313 2.96 -3.62 2.18
N ASN A 314 2.11 -4.56 1.77
CA ASN A 314 0.89 -4.15 1.06
C ASN A 314 -0.26 -3.91 2.04
N PHE A 315 0.05 -3.97 3.35
CA PHE A 315 -0.94 -3.70 4.41
C PHE A 315 -0.36 -2.65 5.35
N SER A 316 -1.23 -1.72 5.74
CA SER A 316 -0.85 -0.63 6.61
C SER A 316 -1.91 -0.33 7.66
N VAL A 317 -1.53 0.45 8.64
CA VAL A 317 -2.50 0.87 9.64
C VAL A 317 -2.30 2.36 9.85
N PHE A 318 -3.40 3.06 10.14
CA PHE A 318 -3.32 4.48 10.49
C PHE A 318 -2.93 4.51 11.96
N ILE A 319 -2.00 5.39 12.34
CA ILE A 319 -1.65 5.53 13.74
C ILE A 319 -2.45 6.74 14.20
N GLN A 320 -3.25 6.53 15.23
CA GLN A 320 -4.11 7.61 15.72
C GLN A 320 -3.63 8.17 17.03
N ALA A 321 -4.22 9.30 17.39
CA ALA A 321 -3.86 9.97 18.62
C ALA A 321 -3.83 8.96 19.75
N GLY A 322 -2.82 9.05 20.60
CA GLY A 322 -2.71 8.13 21.71
C GLY A 322 -1.97 6.85 21.36
N GLY A 323 -1.79 6.60 20.07
CA GLY A 323 -1.09 5.39 19.67
C GLY A 323 -1.99 4.22 19.30
N SER A 324 -3.30 4.46 19.22
CA SER A 324 -4.19 3.40 18.81
C SER A 324 -4.01 3.33 17.29
N TYR A 325 -4.57 2.29 16.66
CA TYR A 325 -4.43 2.09 15.20
C TYR A 325 -5.60 1.33 14.62
N ARG A 326 -5.72 1.39 13.30
CA ARG A 326 -6.73 0.68 12.56
C ARG A 326 -6.21 0.55 11.13
N LEU A 327 -6.68 -0.47 10.45
CA LEU A 327 -6.27 -0.79 9.09
C LEU A 327 -6.64 0.29 8.07
N THR A 328 -5.70 0.61 7.18
CA THR A 328 -5.96 1.56 6.13
C THR A 328 -6.65 0.75 5.02
N PRO A 329 -7.03 1.40 3.92
CA PRO A 329 -7.68 0.70 2.81
C PRO A 329 -6.60 -0.21 2.24
N PHE A 330 -7.01 -1.12 1.35
CA PHE A 330 -6.08 -2.03 0.70
C PHE A 330 -5.53 -1.32 -0.55
N TYR A 331 -4.34 -1.73 -1.00
CA TYR A 331 -3.72 -1.06 -2.14
C TYR A 331 -2.69 -1.94 -2.88
N ASP A 332 -2.15 -1.42 -3.97
CA ASP A 332 -1.16 -2.15 -4.78
C ASP A 332 -1.73 -3.51 -5.18
N ILE A 333 -2.91 -3.48 -5.77
CA ILE A 333 -3.58 -4.70 -6.20
C ILE A 333 -3.39 -4.95 -7.70
N ILE A 334 -2.81 -6.09 -8.03
CA ILE A 334 -2.58 -6.48 -9.42
C ILE A 334 -2.86 -7.96 -9.61
N SER A 335 -3.54 -8.31 -10.69
CA SER A 335 -3.85 -9.72 -10.97
C SER A 335 -2.76 -10.38 -11.79
N ALA A 336 -2.44 -11.63 -11.49
CA ALA A 336 -1.43 -12.34 -12.27
C ALA A 336 -2.13 -12.99 -13.48
N PHE A 337 -3.45 -12.94 -13.52
CA PHE A 337 -4.16 -13.56 -14.64
C PHE A 337 -3.74 -13.04 -16.02
N PRO A 338 -3.58 -11.71 -16.20
CA PRO A 338 -3.19 -11.25 -17.53
C PRO A 338 -1.77 -11.64 -17.96
N VAL A 339 -1.00 -12.24 -17.05
CA VAL A 339 0.36 -12.64 -17.41
C VAL A 339 0.44 -14.14 -17.65
N LEU A 340 -0.68 -14.84 -17.56
CA LEU A 340 -0.70 -16.28 -17.78
C LEU A 340 -0.36 -16.67 -19.20
N GLY A 341 0.07 -17.91 -19.38
CA GLY A 341 0.41 -18.44 -20.69
C GLY A 341 1.57 -17.73 -21.39
N GLY A 342 2.01 -16.61 -20.82
CA GLY A 342 3.11 -15.87 -21.41
C GLY A 342 4.41 -16.64 -21.38
N THR A 343 5.30 -16.26 -20.47
CA THR A 343 6.59 -16.91 -20.32
C THR A 343 6.47 -18.39 -20.01
N GLY A 344 5.30 -18.97 -20.28
CA GLY A 344 5.11 -20.38 -20.02
C GLY A 344 4.45 -20.64 -18.68
N ILE A 345 4.08 -19.56 -18.00
CA ILE A 345 3.44 -19.68 -16.69
C ILE A 345 1.99 -20.11 -16.84
N HIS A 346 1.60 -21.13 -16.09
CA HIS A 346 0.24 -21.63 -16.13
C HIS A 346 -0.48 -21.20 -14.85
N ILE A 347 -1.80 -21.35 -14.84
CA ILE A 347 -2.57 -20.99 -13.67
C ILE A 347 -2.09 -21.80 -12.46
N SER A 348 -1.62 -23.02 -12.71
CA SER A 348 -1.13 -23.88 -11.62
C SER A 348 0.14 -23.32 -10.97
N ASP A 349 0.79 -22.35 -11.59
CA ASP A 349 1.99 -21.77 -11.01
C ASP A 349 1.71 -20.56 -10.08
N LEU A 350 0.48 -20.05 -10.09
CA LEU A 350 0.13 -18.89 -9.24
C LEU A 350 -0.03 -19.27 -7.77
N LYS A 351 0.68 -18.57 -6.88
CA LYS A 351 0.62 -18.86 -5.45
C LYS A 351 0.34 -17.57 -4.66
N LEU A 352 -0.45 -17.68 -3.61
CA LEU A 352 -0.72 -16.52 -2.76
C LEU A 352 0.55 -16.21 -1.99
N ALA A 353 0.85 -14.93 -1.75
CA ALA A 353 2.04 -14.55 -0.97
C ALA A 353 1.89 -14.97 0.49
N MET A 354 0.65 -15.00 0.96
CA MET A 354 0.37 -15.43 2.33
C MET A 354 -0.53 -16.67 2.27
N GLY A 355 0.01 -17.82 2.65
CA GLY A 355 -0.73 -19.05 2.60
C GLY A 355 -1.81 -19.26 3.66
N LEU A 356 -2.73 -20.14 3.32
CA LEU A 356 -3.85 -20.50 4.18
C LEU A 356 -3.47 -21.82 4.83
N ASN A 357 -4.33 -22.27 5.74
CA ASN A 357 -4.14 -23.53 6.40
C ASN A 357 -4.51 -24.67 5.45
N ALA A 358 -3.75 -25.75 5.49
CA ALA A 358 -4.06 -26.94 4.69
C ALA A 358 -4.05 -28.11 5.69
N SER A 359 -4.63 -29.25 5.33
CA SER A 359 -4.66 -30.42 6.21
C SER A 359 -3.27 -30.75 6.74
N LYS A 360 -2.31 -30.71 5.82
CA LYS A 360 -0.92 -31.05 6.10
C LYS A 360 0.07 -29.89 5.96
N GLY A 361 -0.27 -28.72 6.45
CA GLY A 361 0.66 -27.60 6.32
C GLY A 361 -0.08 -26.38 5.80
N LYS A 362 0.40 -25.81 4.70
CA LYS A 362 -0.22 -24.63 4.13
C LYS A 362 -0.72 -24.84 2.70
N LYS A 363 -1.66 -23.98 2.31
CA LYS A 363 -2.24 -24.02 0.97
C LYS A 363 -1.88 -22.69 0.34
N THR A 364 -1.20 -22.74 -0.80
CA THR A 364 -0.79 -21.50 -1.48
C THR A 364 -1.18 -21.43 -2.94
N ALA A 365 -1.44 -22.57 -3.58
CA ALA A 365 -1.79 -22.49 -5.00
C ALA A 365 -3.23 -22.06 -5.21
N ILE A 366 -3.39 -20.93 -5.90
CA ILE A 366 -4.71 -20.39 -6.20
C ILE A 366 -5.60 -21.44 -6.87
N ASP A 367 -5.01 -22.22 -7.76
CA ASP A 367 -5.77 -23.27 -8.46
C ASP A 367 -6.22 -24.44 -7.56
N LYS A 368 -5.58 -24.63 -6.41
CA LYS A 368 -5.94 -25.73 -5.52
C LYS A 368 -6.70 -25.26 -4.28
N ILE A 369 -6.96 -23.96 -4.22
CA ILE A 369 -7.65 -23.41 -3.08
C ILE A 369 -9.16 -23.38 -3.27
N TYR A 370 -9.85 -23.78 -2.21
CA TYR A 370 -11.31 -23.87 -2.15
C TYR A 370 -11.78 -23.28 -0.82
N PRO A 371 -13.09 -23.08 -0.67
CA PRO A 371 -13.65 -22.51 0.56
C PRO A 371 -13.24 -23.23 1.85
N ARG A 372 -13.03 -24.54 1.79
CA ARG A 372 -12.66 -25.27 3.01
C ARG A 372 -11.35 -24.72 3.61
N HIS A 373 -10.45 -24.26 2.77
CA HIS A 373 -9.19 -23.70 3.25
C HIS A 373 -9.41 -22.38 3.99
N PHE A 374 -10.34 -21.55 3.49
CA PHE A 374 -10.60 -20.29 4.18
C PHE A 374 -11.29 -20.56 5.51
N LEU A 375 -12.19 -21.54 5.53
CA LEU A 375 -12.88 -21.86 6.78
C LEU A 375 -11.94 -22.48 7.80
N ALA A 376 -11.00 -23.30 7.34
CA ALA A 376 -10.03 -23.95 8.25
C ALA A 376 -9.14 -22.88 8.83
N THR A 377 -8.74 -21.92 8.01
CA THR A 377 -7.91 -20.83 8.49
C THR A 377 -8.69 -19.98 9.50
N ALA A 378 -9.92 -19.59 9.16
CA ALA A 378 -10.74 -18.77 10.06
C ALA A 378 -10.82 -19.45 11.44
N LYS A 379 -11.04 -20.74 11.42
CA LYS A 379 -11.17 -21.49 12.66
C LYS A 379 -9.97 -21.37 13.57
N VAL A 380 -8.76 -21.69 13.09
CA VAL A 380 -7.59 -21.62 13.95
C VAL A 380 -7.22 -20.19 14.37
N LEU A 381 -7.71 -19.20 13.64
CA LEU A 381 -7.40 -17.82 13.97
C LEU A 381 -8.49 -17.18 14.80
N ARG A 382 -9.53 -17.95 15.09
CA ARG A 382 -10.66 -17.51 15.90
C ARG A 382 -11.48 -16.43 15.23
N PHE A 383 -11.62 -16.53 13.92
CA PHE A 383 -12.42 -15.61 13.13
C PHE A 383 -13.72 -16.38 12.97
N PRO A 384 -14.85 -15.81 13.40
CA PRO A 384 -16.16 -16.48 13.32
C PRO A 384 -16.53 -17.15 12.02
N GLU A 385 -16.91 -18.42 12.12
CA GLU A 385 -17.32 -19.18 10.96
C GLU A 385 -18.48 -18.47 10.25
N VAL A 386 -19.41 -17.90 11.01
CA VAL A 386 -20.53 -17.23 10.37
C VAL A 386 -20.05 -16.06 9.50
N GLN A 387 -19.05 -15.33 9.99
CA GLN A 387 -18.51 -14.22 9.21
C GLN A 387 -17.80 -14.74 7.97
N MET A 388 -17.01 -15.81 8.13
CA MET A 388 -16.32 -16.36 6.97
C MET A 388 -17.38 -16.84 5.97
N HIS A 389 -18.45 -17.48 6.44
CA HIS A 389 -19.49 -17.90 5.51
C HIS A 389 -20.13 -16.73 4.78
N GLU A 390 -20.39 -15.65 5.50
CA GLU A 390 -20.98 -14.46 4.89
C GLU A 390 -20.10 -13.92 3.75
N ILE A 391 -18.80 -13.84 4.01
CA ILE A 391 -17.83 -13.34 3.03
C ILE A 391 -17.90 -14.23 1.79
N LEU A 392 -17.80 -15.53 2.00
CA LEU A 392 -17.87 -16.45 0.86
C LEU A 392 -19.21 -16.35 0.13
N SER A 393 -20.32 -16.30 0.87
CA SER A 393 -21.63 -16.22 0.20
C SER A 393 -21.87 -14.87 -0.50
N ASP A 394 -21.37 -13.79 0.09
CA ASP A 394 -21.51 -12.48 -0.54
C ASP A 394 -20.76 -12.49 -1.90
N PHE A 395 -19.52 -13.03 -1.94
CA PHE A 395 -18.80 -13.08 -3.25
C PHE A 395 -19.55 -14.03 -4.18
N ALA A 396 -20.11 -15.09 -3.62
CA ALA A 396 -20.87 -16.04 -4.43
C ALA A 396 -21.98 -15.33 -5.19
N ARG A 397 -22.83 -14.56 -4.52
CA ARG A 397 -23.87 -13.93 -5.32
C ARG A 397 -23.54 -12.62 -5.98
N MET A 398 -22.51 -11.90 -5.51
CA MET A 398 -22.20 -10.62 -6.10
C MET A 398 -21.20 -10.55 -7.23
N ILE A 399 -20.30 -11.53 -7.33
CA ILE A 399 -19.27 -11.51 -8.37
C ILE A 399 -19.75 -11.29 -9.81
N PRO A 400 -20.72 -12.10 -10.29
CA PRO A 400 -21.18 -11.91 -11.67
C PRO A 400 -21.66 -10.50 -11.97
N ALA A 401 -22.46 -9.92 -11.09
CA ALA A 401 -22.96 -8.57 -11.32
C ALA A 401 -21.81 -7.54 -11.20
N ALA A 402 -20.89 -7.77 -10.27
CA ALA A 402 -19.76 -6.85 -10.08
C ALA A 402 -18.90 -6.77 -11.34
N LEU A 403 -18.62 -7.92 -11.95
CA LEU A 403 -17.81 -7.97 -13.14
C LEU A 403 -18.48 -7.22 -14.29
N ASP A 404 -19.80 -7.30 -14.40
CA ASP A 404 -20.48 -6.59 -15.48
C ASP A 404 -20.50 -5.10 -15.19
N ASN A 405 -20.70 -4.76 -13.92
CA ASN A 405 -20.78 -3.37 -13.52
C ASN A 405 -19.48 -2.61 -13.76
N VAL A 406 -18.35 -3.26 -13.49
CA VAL A 406 -17.03 -2.65 -13.67
C VAL A 406 -16.76 -2.20 -15.11
N LYS A 407 -17.36 -2.91 -16.07
CA LYS A 407 -17.17 -2.59 -17.48
C LYS A 407 -17.60 -1.19 -17.88
N THR A 408 -18.61 -0.64 -17.22
CA THR A 408 -19.06 0.70 -17.59
C THR A 408 -18.03 1.74 -17.18
N SER A 409 -17.16 1.38 -16.24
CA SER A 409 -16.13 2.31 -15.75
C SER A 409 -14.79 2.16 -16.46
N LEU A 410 -14.77 1.39 -17.52
CA LEU A 410 -13.54 1.18 -18.29
C LEU A 410 -13.54 2.14 -19.50
N PRO A 411 -12.38 2.75 -19.83
CA PRO A 411 -12.37 3.64 -20.99
C PRO A 411 -12.47 2.84 -22.28
N THR A 412 -12.91 3.48 -23.35
CA THR A 412 -13.07 2.78 -24.61
C THR A 412 -11.80 2.08 -25.06
N ASP A 413 -10.64 2.66 -24.75
CA ASP A 413 -9.37 2.07 -25.15
C ASP A 413 -8.82 1.03 -24.18
N PHE A 414 -9.59 0.65 -23.17
CA PHE A 414 -9.13 -0.35 -22.21
C PHE A 414 -8.80 -1.64 -22.95
N PRO A 415 -7.64 -2.27 -22.65
CA PRO A 415 -7.24 -3.52 -23.32
C PRO A 415 -8.17 -4.68 -22.98
N GLU A 416 -8.86 -5.22 -23.98
CA GLU A 416 -9.79 -6.33 -23.80
C GLU A 416 -9.15 -7.57 -23.20
N ASN A 417 -7.90 -7.83 -23.57
CA ASN A 417 -7.20 -9.02 -23.09
C ASN A 417 -7.10 -9.04 -21.56
N VAL A 418 -7.02 -7.87 -20.93
CA VAL A 418 -6.94 -7.81 -19.47
C VAL A 418 -8.28 -8.19 -18.87
N VAL A 419 -9.37 -7.66 -19.46
CA VAL A 419 -10.70 -7.97 -18.98
C VAL A 419 -10.95 -9.46 -19.18
N THR A 420 -10.66 -9.92 -20.39
CA THR A 420 -10.85 -11.34 -20.72
C THR A 420 -10.12 -12.23 -19.73
N ALA A 421 -8.84 -11.95 -19.52
CA ALA A 421 -8.04 -12.76 -18.61
C ALA A 421 -8.54 -12.73 -17.16
N VAL A 422 -8.78 -11.55 -16.62
CA VAL A 422 -9.26 -11.51 -15.24
C VAL A 422 -10.68 -12.07 -15.10
N GLU A 423 -11.58 -11.63 -15.97
CA GLU A 423 -12.96 -12.06 -15.92
C GLU A 423 -13.14 -13.59 -15.98
N SER A 424 -12.58 -14.22 -17.00
CA SER A 424 -12.74 -15.65 -17.14
C SER A 424 -12.17 -16.43 -15.95
N ASN A 425 -11.00 -16.02 -15.43
CA ASN A 425 -10.40 -16.74 -14.31
C ASN A 425 -11.12 -16.50 -12.99
N VAL A 426 -11.61 -15.27 -12.77
CA VAL A 426 -12.37 -14.98 -11.56
C VAL A 426 -13.66 -15.83 -11.58
N LEU A 427 -14.32 -15.90 -12.74
CA LEU A 427 -15.56 -16.65 -12.83
C LEU A 427 -15.32 -18.12 -12.61
N ARG A 428 -14.16 -18.59 -13.08
CA ARG A 428 -13.78 -19.99 -12.95
C ARG A 428 -13.65 -20.35 -11.47
N LEU A 429 -13.01 -19.47 -10.69
CA LEU A 429 -12.84 -19.71 -9.26
C LEU A 429 -14.15 -19.46 -8.51
N HIS A 430 -14.90 -18.47 -8.98
CA HIS A 430 -16.19 -18.14 -8.38
C HIS A 430 -17.13 -19.36 -8.39
N GLY A 431 -16.99 -20.20 -9.39
CA GLY A 431 -17.81 -21.41 -9.47
C GLY A 431 -17.65 -22.25 -8.22
N ARG A 432 -16.45 -22.26 -7.64
CA ARG A 432 -16.18 -23.03 -6.42
C ARG A 432 -16.95 -22.49 -5.22
N LEU A 433 -17.36 -21.23 -5.27
CA LEU A 433 -18.11 -20.66 -4.14
C LEU A 433 -19.58 -21.02 -4.30
N SER A 434 -19.99 -21.29 -5.54
CA SER A 434 -21.37 -21.62 -5.87
C SER A 434 -21.69 -23.09 -5.60
N ARG A 435 -20.67 -23.94 -5.62
CA ARG A 435 -20.86 -25.36 -5.36
C ARG A 435 -20.81 -25.58 -3.85
N GLU A 436 -21.48 -24.68 -3.13
CA GLU A 436 -21.58 -24.70 -1.65
C GLU A 436 -22.23 -23.43 -1.09
N TYR A 437 -22.01 -22.29 -1.75
CA TYR A 437 -22.60 -21.02 -1.31
C TYR A 437 -23.41 -20.41 -2.45
CL CL B . -1.31 -25.62 -2.38
P PO4 C . -6.31 -29.96 2.11
O1 PO4 C . -5.27 -30.94 2.51
O2 PO4 C . -7.60 -30.66 1.84
O3 PO4 C . -6.51 -29.00 3.23
O4 PO4 C . -5.89 -29.25 0.90
P PO4 D . -2.74 -31.80 -0.15
O1 PO4 D . -2.54 -30.36 0.17
O2 PO4 D . -1.83 -32.19 -1.26
O3 PO4 D . -2.44 -32.61 1.06
O4 PO4 D . -4.16 -32.02 -0.56
#